data_4XCF
#
_entry.id   4XCF
#
_cell.length_a   156.760
_cell.length_b   44.588
_cell.length_c   85.153
_cell.angle_alpha   90.00
_cell.angle_beta   113.53
_cell.angle_gamma   90.00
#
_symmetry.space_group_name_H-M   'C 1 2 1'
#
loop_
_entity.id
_entity.type
_entity.pdbx_description
1 polymer '4E10 Fab light chain'
2 polymer '4E10 Fab heavy chain'
3 polymer 'MODIFIED FRAGMENT OF HIV-1 GLYCOPROTEIN (GP41) INCLUDING THE MPER REGION 671-683'
4 non-polymer '[(2R)-3-[oxidanyl-[2-(trimethyl-$l^{4}-azanyl)ethoxy]phosphoryl]oxy-2-propanoyloxy-propyl] propanoate'
5 water water
#
loop_
_entity_poly.entity_id
_entity_poly.type
_entity_poly.pdbx_seq_one_letter_code
_entity_poly.pdbx_strand_id
1 'polypeptide(L)'
;EIVLTQSPGTQSLSPGERATLSCRASQSVGNNKLAWYQQRPGQAPRLLIYGASSRPSGVADRFSGSGSGTDFTLTISRLE
PEDFAVYYCQQYGQSLSTFGQGTKVEVKRTVAAPSVFIFPPSDEQLKSGTASVVCLLNNFYPREAKVQWKVDNALQSGNS
QESVTEQDSKDSTYSLSSTLTLSKADYEKHKVYACEVTHQGLSSPVTKSFNRGEC
;
L
2 'polypeptide(L)'
;QVQLVQSGAEVKRPGSSVTVSCKASGGSFSTYALSWVRQAPGRGLEWMGGVIPLLTITNYAPRFQGRITITADRSTSTAY
LELNSLRPEDTAVYYCAREGTTGWGWLGKPIGAFAHWGQGTLVTVSSASTKGPSVFPLAPSSKSTSGGTAALGCLVKDYF
PEPVTVSWNSGALTSGVHTFPAVLQSSGLYSLSSVVTVPSSSLGTQTYICNVNHKPSNTKVDKKVEPK
;
H
3 'polypeptide(L)' NWWDITNWLWYIKKKK P
#
loop_
_chem_comp.id
_chem_comp.type
_chem_comp.name
_chem_comp.formula
43Y non-polymer '[(2R)-3-[oxidanyl-[2-(trimethyl-$l^{4}-azanyl)ethoxy]phosphoryl]oxy-2-propanoyloxy-propyl] propanoate' 'C14 H29 N O8 P 1'
#
# COMPACT_ATOMS: atom_id res chain seq x y z
N GLU A 1 15.67 16.55 14.80
CA GLU A 1 14.97 16.05 13.62
C GLU A 1 13.83 17.01 13.28
N ILE A 2 13.68 17.34 11.99
CA ILE A 2 12.58 18.20 11.59
C ILE A 2 11.37 17.30 11.33
N VAL A 3 10.27 17.57 12.01
CA VAL A 3 9.07 16.80 11.83
C VAL A 3 8.19 17.59 10.87
N LEU A 4 7.71 16.94 9.81
CA LEU A 4 6.80 17.57 8.84
C LEU A 4 5.40 17.08 9.06
N THR A 5 4.46 18.02 9.26
CA THR A 5 3.07 17.65 9.49
C THR A 5 2.23 18.02 8.27
N GLN A 6 1.53 17.03 7.72
CA GLN A 6 0.63 17.26 6.59
C GLN A 6 -0.79 17.07 7.06
N SER A 7 -1.50 18.16 7.25
CA SER A 7 -2.82 18.12 7.83
C SER A 7 -3.79 18.95 6.95
N PRO A 8 -4.96 18.40 6.60
CA PRO A 8 -5.42 17.05 6.92
C PRO A 8 -4.70 15.96 6.15
N GLY A 9 -4.68 14.75 6.70
CA GLY A 9 -4.07 13.61 6.02
C GLY A 9 -4.88 13.03 4.88
N THR A 10 -6.14 13.43 4.76
CA THR A 10 -6.99 13.09 3.60
C THR A 10 -7.79 14.31 3.20
N GLN A 11 -7.97 14.50 1.89
CA GLN A 11 -8.92 15.51 1.40
C GLN A 11 -9.81 14.87 0.37
N SER A 12 -11.13 15.01 0.57
CA SER A 12 -12.10 14.52 -0.38
C SER A 12 -12.53 15.67 -1.28
N LEU A 13 -12.15 15.61 -2.54
CA LEU A 13 -12.38 16.74 -3.46
C LEU A 13 -13.01 16.25 -4.74
N SER A 14 -13.69 17.15 -5.45
CA SER A 14 -14.33 16.81 -6.70
C SER A 14 -13.36 16.96 -7.86
N PRO A 15 -13.50 16.13 -8.91
CA PRO A 15 -12.76 16.40 -10.14
C PRO A 15 -12.97 17.84 -10.61
N GLY A 16 -11.86 18.48 -11.01
CA GLY A 16 -11.91 19.84 -11.50
C GLY A 16 -11.73 20.88 -10.40
N GLU A 17 -11.74 20.45 -9.15
CA GLU A 17 -11.62 21.40 -8.04
C GLU A 17 -10.14 21.81 -7.87
N ARG A 18 -9.89 22.96 -7.25
CA ARG A 18 -8.55 23.33 -6.82
C ARG A 18 -8.22 22.64 -5.50
N ALA A 19 -6.98 22.21 -5.33
CA ALA A 19 -6.59 21.59 -4.06
C ALA A 19 -5.42 22.36 -3.50
N THR A 20 -5.42 22.62 -2.19
CA THR A 20 -4.21 23.16 -1.56
C THR A 20 -3.84 22.24 -0.39
N LEU A 21 -2.59 21.78 -0.39
CA LEU A 21 -2.11 20.83 0.60
C LEU A 21 -1.01 21.50 1.41
N SER A 22 -1.14 21.42 2.74
N SER A 22 -1.10 21.39 2.73
CA SER A 22 -0.18 22.03 3.69
CA SER A 22 -0.15 22.08 3.59
C SER A 22 0.91 21.08 4.12
C SER A 22 0.89 21.14 4.18
N CYS A 23 2.12 21.62 4.26
CA CYS A 23 3.24 20.90 4.90
C CYS A 23 3.85 21.87 5.90
N ARG A 24 3.78 21.56 7.19
N ARG A 24 3.73 21.57 7.20
CA ARG A 24 4.31 22.47 8.21
CA ARG A 24 4.29 22.42 8.26
C ARG A 24 5.45 21.80 8.95
C ARG A 24 5.50 21.74 8.86
N ALA A 25 6.57 22.50 9.06
CA ALA A 25 7.76 21.95 9.67
C ALA A 25 7.91 22.40 11.10
N SER A 26 8.46 21.52 11.93
CA SER A 26 8.69 21.84 13.37
C SER A 26 9.80 22.85 13.59
N GLN A 27 10.65 23.07 12.62
CA GLN A 27 11.63 24.16 12.67
C GLN A 27 11.97 24.50 11.23
N SER A 28 12.58 25.66 11.05
CA SER A 28 12.87 26.21 9.72
CA SER A 28 12.81 26.20 9.72
C SER A 28 13.60 25.22 8.83
N VAL A 29 13.15 25.06 7.59
CA VAL A 29 13.84 24.23 6.61
C VAL A 29 14.85 25.05 5.82
N GLY A 30 16.14 24.73 5.99
CA GLY A 30 17.21 25.50 5.39
C GLY A 30 17.12 25.62 3.87
N ASN A 31 17.33 26.85 3.39
CA ASN A 31 17.38 27.13 1.96
C ASN A 31 16.16 26.62 1.19
N ASN A 32 15.01 26.54 1.88
CA ASN A 32 13.78 26.06 1.27
C ASN A 32 13.94 24.75 0.53
N LYS A 33 14.71 23.86 1.11
CA LYS A 33 14.94 22.53 0.51
CA LYS A 33 14.95 22.54 0.51
C LYS A 33 13.75 21.64 0.86
N LEU A 34 12.64 21.84 0.14
CA LEU A 34 11.36 21.17 0.43
C LEU A 34 10.87 20.63 -0.91
N ALA A 35 10.64 19.31 -0.95
CA ALA A 35 10.14 18.69 -2.16
C ALA A 35 8.76 18.08 -1.96
N TRP A 36 8.04 17.89 -3.07
CA TRP A 36 6.73 17.20 -3.02
C TRP A 36 6.76 16.04 -3.99
N TYR A 37 6.16 14.93 -3.58
CA TYR A 37 6.04 13.73 -4.43
C TYR A 37 4.62 13.27 -4.54
N GLN A 38 4.27 12.64 -5.65
CA GLN A 38 2.97 12.00 -5.81
C GLN A 38 3.22 10.49 -5.79
N GLN A 39 2.30 9.71 -5.20
CA GLN A 39 2.42 8.27 -5.29
C GLN A 39 1.03 7.65 -5.50
N ARG A 40 0.90 6.86 -6.54
CA ARG A 40 -0.33 6.11 -6.76
C ARG A 40 -0.15 4.66 -6.29
N PRO A 41 -1.24 3.96 -5.89
CA PRO A 41 -1.09 2.57 -5.48
C PRO A 41 -0.40 1.73 -6.54
N GLY A 42 0.56 0.93 -6.10
CA GLY A 42 1.29 0.05 -6.99
C GLY A 42 2.37 0.71 -7.81
N GLN A 43 2.66 1.97 -7.52
CA GLN A 43 3.71 2.67 -8.24
C GLN A 43 4.74 3.30 -7.28
N ALA A 44 5.95 3.55 -7.78
CA ALA A 44 6.97 4.28 -7.07
C ALA A 44 6.50 5.75 -6.97
N PRO A 45 7.02 6.48 -5.99
CA PRO A 45 6.73 7.93 -5.91
C PRO A 45 7.33 8.65 -7.12
N ARG A 46 6.83 9.84 -7.40
CA ARG A 46 7.27 10.69 -8.53
C ARG A 46 7.48 12.10 -8.03
N LEU A 47 8.63 12.68 -8.35
CA LEU A 47 8.92 14.07 -7.97
C LEU A 47 8.06 15.09 -8.71
N LEU A 48 7.41 15.99 -7.96
CA LEU A 48 6.62 17.05 -8.58
C LEU A 48 7.29 18.42 -8.42
N ILE A 49 7.85 18.70 -7.25
CA ILE A 49 8.34 20.03 -6.90
C ILE A 49 9.60 19.84 -6.08
N TYR A 50 10.60 20.69 -6.33
CA TYR A 50 11.79 20.69 -5.47
C TYR A 50 12.16 22.10 -5.10
N GLY A 51 12.92 22.28 -4.03
CA GLY A 51 13.33 23.64 -3.68
C GLY A 51 12.15 24.53 -3.38
N ALA A 52 11.10 23.92 -2.82
CA ALA A 52 9.82 24.59 -2.49
C ALA A 52 8.95 24.99 -3.68
N SER A 53 9.55 25.46 -4.77
CA SER A 53 8.69 25.99 -5.82
C SER A 53 9.17 25.64 -7.25
N SER A 54 10.24 24.86 -7.40
CA SER A 54 10.75 24.53 -8.74
C SER A 54 10.09 23.26 -9.25
N ARG A 55 9.79 23.22 -10.53
CA ARG A 55 9.09 22.10 -11.11
CA ARG A 55 9.05 22.11 -11.13
C ARG A 55 9.93 21.49 -12.22
N PRO A 56 10.18 20.19 -12.14
CA PRO A 56 10.94 19.51 -13.18
C PRO A 56 10.20 19.60 -14.50
N SER A 57 10.92 19.64 -15.61
CA SER A 57 10.24 19.55 -16.90
C SER A 57 9.59 18.16 -16.95
N GLY A 58 8.42 18.12 -17.53
CA GLY A 58 7.72 16.88 -17.59
C GLY A 58 6.62 16.87 -16.58
N VAL A 59 6.75 17.64 -15.48
CA VAL A 59 5.67 17.70 -14.52
C VAL A 59 4.65 18.73 -14.92
N ALA A 60 3.36 18.37 -14.84
CA ALA A 60 2.31 19.28 -15.31
C ALA A 60 2.31 20.61 -14.53
N ASP A 61 2.17 21.70 -15.26
CA ASP A 61 2.19 23.02 -14.65
C ASP A 61 0.93 23.33 -13.82
N ARG A 62 -0.02 22.39 -13.72
CA ARG A 62 -1.09 22.60 -12.76
C ARG A 62 -0.63 22.35 -11.32
N PHE A 63 0.57 21.78 -11.17
CA PHE A 63 1.18 21.63 -9.85
C PHE A 63 2.11 22.80 -9.58
N SER A 64 1.94 23.49 -8.44
CA SER A 64 2.88 24.54 -8.07
C SER A 64 3.15 24.47 -6.57
N GLY A 65 4.35 24.86 -6.18
CA GLY A 65 4.70 24.86 -4.78
C GLY A 65 5.01 26.26 -4.31
N SER A 66 4.71 26.50 -3.04
CA SER A 66 5.05 27.78 -2.46
C SER A 66 5.40 27.68 -0.98
N GLY A 67 5.83 28.81 -0.39
CA GLY A 67 6.12 28.82 1.04
C GLY A 67 7.58 28.92 1.38
N SER A 68 7.87 29.08 2.67
N SER A 68 7.87 29.12 2.66
N SER A 68 7.86 29.12 2.66
CA SER A 68 9.23 29.21 3.16
CA SER A 68 9.24 29.24 3.15
CA SER A 68 9.22 29.28 3.18
C SER A 68 9.26 29.01 4.66
C SER A 68 9.29 29.11 4.67
C SER A 68 9.26 28.97 4.66
N GLY A 69 10.45 28.76 5.19
CA GLY A 69 10.65 28.63 6.62
C GLY A 69 10.02 27.36 7.13
N THR A 70 8.83 27.46 7.71
CA THR A 70 8.15 26.30 8.24
C THR A 70 6.79 26.06 7.61
N ASP A 71 6.42 26.86 6.58
N ASP A 71 6.41 26.91 6.65
CA ASP A 71 5.03 26.85 6.09
CA ASP A 71 5.08 26.82 6.02
C ASP A 71 4.96 26.69 4.56
C ASP A 71 5.21 26.61 4.55
N PHE A 72 4.72 25.47 4.08
CA PHE A 72 4.81 25.18 2.64
C PHE A 72 3.48 24.68 2.12
N THR A 73 3.19 24.93 0.83
CA THR A 73 1.92 24.55 0.25
C THR A 73 2.15 24.00 -1.14
N LEU A 74 1.50 22.87 -1.43
CA LEU A 74 1.37 22.37 -2.81
C LEU A 74 -0.01 22.73 -3.32
N THR A 75 -0.09 23.38 -4.49
CA THR A 75 -1.41 23.76 -5.04
C THR A 75 -1.61 22.95 -6.33
N ILE A 76 -2.80 22.36 -6.48
CA ILE A 76 -3.13 21.71 -7.75
C ILE A 76 -4.24 22.54 -8.34
N SER A 77 -4.02 23.20 -9.48
CA SER A 77 -4.97 24.23 -9.86
C SER A 77 -6.33 23.67 -10.23
N ARG A 78 -6.34 22.48 -10.80
N ARG A 78 -6.34 22.47 -10.79
CA ARG A 78 -7.57 21.83 -11.26
CA ARG A 78 -7.58 21.84 -11.17
C ARG A 78 -7.39 20.31 -11.30
C ARG A 78 -7.27 20.34 -11.17
N LEU A 79 -8.04 19.59 -10.40
CA LEU A 79 -7.83 18.15 -10.29
C LEU A 79 -8.26 17.37 -11.51
N GLU A 80 -7.31 16.70 -12.12
CA GLU A 80 -7.59 15.71 -13.17
C GLU A 80 -7.75 14.30 -12.54
N PRO A 81 -8.36 13.34 -13.27
CA PRO A 81 -8.63 12.04 -12.64
C PRO A 81 -7.34 11.40 -12.14
N GLU A 82 -6.24 11.58 -12.88
CA GLU A 82 -4.98 11.00 -12.45
C GLU A 82 -4.34 11.67 -11.22
N ASP A 83 -4.91 12.80 -10.77
CA ASP A 83 -4.33 13.55 -9.66
C ASP A 83 -4.80 13.00 -8.28
N PHE A 84 -5.78 12.10 -8.27
CA PHE A 84 -6.22 11.49 -7.02
C PHE A 84 -5.20 10.43 -6.65
N ALA A 85 -4.48 10.71 -5.57
CA ALA A 85 -3.25 9.99 -5.24
C ALA A 85 -2.80 10.45 -3.86
N VAL A 86 -1.67 9.92 -3.36
CA VAL A 86 -1.11 10.41 -2.09
C VAL A 86 0.04 11.34 -2.41
N TYR A 87 0.13 12.44 -1.67
CA TYR A 87 1.16 13.46 -1.88
C TYR A 87 2.00 13.54 -0.60
N TYR A 88 3.32 13.45 -0.75
CA TYR A 88 4.22 13.53 0.40
C TYR A 88 5.11 14.77 0.26
N CYS A 89 5.33 15.47 1.36
CA CYS A 89 6.39 16.48 1.36
C CYS A 89 7.65 15.87 1.99
N GLN A 90 8.81 16.44 1.65
CA GLN A 90 10.10 15.96 2.17
C GLN A 90 10.99 17.17 2.37
N GLN A 91 11.68 17.26 3.51
CA GLN A 91 12.69 18.30 3.67
C GLN A 91 14.07 17.70 3.54
N TYR A 92 14.97 18.45 2.93
CA TYR A 92 16.36 18.00 2.82
C TYR A 92 17.24 19.21 3.09
N GLY A 93 16.81 20.01 4.09
CA GLY A 93 17.58 21.16 4.54
C GLY A 93 18.54 20.86 5.68
N GLN A 94 18.45 19.64 6.23
CA GLN A 94 19.43 19.12 7.17
C GLN A 94 19.88 17.78 6.68
N SER A 95 21.05 17.31 7.10
CA SER A 95 21.50 15.99 6.67
C SER A 95 20.49 14.89 6.95
N LEU A 96 19.81 14.96 8.09
CA LEU A 96 18.73 14.02 8.34
C LEU A 96 17.48 14.47 7.54
N SER A 97 17.21 13.85 6.38
CA SER A 97 16.04 14.21 5.60
C SER A 97 14.82 13.48 6.16
N THR A 98 13.67 14.11 6.17
CA THR A 98 12.47 13.50 6.66
C THR A 98 11.29 13.77 5.71
N PHE A 99 10.27 12.92 5.79
CA PHE A 99 9.04 13.03 5.00
C PHE A 99 7.86 13.31 5.93
N GLY A 100 6.88 14.02 5.41
CA GLY A 100 5.58 14.07 6.07
C GLY A 100 4.83 12.75 5.94
N GLN A 101 3.69 12.58 6.61
CA GLN A 101 3.02 11.30 6.55
CA GLN A 101 2.95 11.35 6.62
C GLN A 101 2.08 11.15 5.37
N GLY A 102 2.01 12.20 4.55
CA GLY A 102 1.28 12.17 3.30
C GLY A 102 -0.14 12.70 3.43
N THR A 103 -0.71 13.18 2.30
CA THR A 103 -2.13 13.52 2.27
C THR A 103 -2.70 12.77 1.06
N LYS A 104 -3.74 11.99 1.31
CA LYS A 104 -4.42 11.26 0.24
C LYS A 104 -5.49 12.23 -0.32
N VAL A 105 -5.44 12.52 -1.61
CA VAL A 105 -6.50 13.29 -2.22
C VAL A 105 -7.41 12.26 -2.86
N GLU A 106 -8.65 12.15 -2.40
CA GLU A 106 -9.59 11.14 -2.85
C GLU A 106 -10.81 11.78 -3.45
N VAL A 107 -11.52 11.01 -4.24
CA VAL A 107 -12.64 11.57 -4.98
C VAL A 107 -13.88 11.67 -4.08
N LYS A 108 -14.39 12.89 -3.93
N LYS A 108 -14.39 12.90 -3.97
CA LYS A 108 -15.66 13.07 -3.21
CA LYS A 108 -15.67 13.15 -3.33
C LYS A 108 -16.83 12.71 -4.12
C LYS A 108 -16.80 12.62 -4.20
N ARG A 109 -17.75 11.88 -3.60
CA ARG A 109 -18.96 11.50 -4.32
C ARG A 109 -20.10 11.46 -3.30
N THR A 110 -21.32 11.18 -3.78
N THR A 110 -21.30 11.15 -3.79
CA THR A 110 -22.46 11.13 -2.87
CA THR A 110 -22.50 11.07 -2.95
C THR A 110 -22.31 9.98 -1.90
C THR A 110 -22.40 9.92 -1.95
N VAL A 111 -22.94 10.11 -0.74
CA VAL A 111 -22.94 9.04 0.28
C VAL A 111 -23.64 7.82 -0.30
N ALA A 112 -23.06 6.66 -0.04
CA ALA A 112 -23.65 5.39 -0.42
C ALA A 112 -23.48 4.42 0.77
N ALA A 113 -24.60 3.91 1.30
CA ALA A 113 -24.54 2.91 2.35
C ALA A 113 -24.02 1.59 1.78
N PRO A 114 -23.30 0.83 2.59
CA PRO A 114 -22.88 -0.47 2.07
C PRO A 114 -24.04 -1.44 1.83
N SER A 115 -23.87 -2.29 0.80
CA SER A 115 -24.66 -3.50 0.74
C SER A 115 -23.90 -4.54 1.48
N VAL A 116 -24.58 -5.26 2.38
CA VAL A 116 -23.90 -6.19 3.28
C VAL A 116 -24.32 -7.63 2.95
N PHE A 117 -23.32 -8.50 2.87
CA PHE A 117 -23.55 -9.91 2.56
C PHE A 117 -22.76 -10.74 3.54
N ILE A 118 -23.33 -11.87 3.96
CA ILE A 118 -22.58 -12.79 4.81
C ILE A 118 -22.48 -14.15 4.13
N PHE A 119 -21.32 -14.81 4.30
CA PHE A 119 -21.08 -16.12 3.69
C PHE A 119 -20.68 -17.12 4.75
N PRO A 120 -21.44 -18.20 4.88
CA PRO A 120 -21.01 -19.27 5.79
C PRO A 120 -19.75 -19.96 5.23
N PRO A 121 -19.04 -20.75 6.03
CA PRO A 121 -17.91 -21.53 5.50
C PRO A 121 -18.37 -22.55 4.47
N SER A 122 -17.49 -22.85 3.51
CA SER A 122 -17.80 -23.84 2.53
C SER A 122 -17.69 -25.22 3.13
N ASP A 123 -18.43 -26.14 2.53
CA ASP A 123 -18.29 -27.54 2.86
C ASP A 123 -16.84 -28.03 2.71
N GLU A 124 -16.19 -27.61 1.63
N GLU A 124 -16.18 -27.59 1.64
CA GLU A 124 -14.79 -27.95 1.36
CA GLU A 124 -14.79 -27.96 1.38
C GLU A 124 -13.93 -27.56 2.55
C GLU A 124 -13.83 -27.52 2.47
N GLN A 125 -14.05 -26.33 3.02
CA GLN A 125 -13.22 -25.87 4.12
C GLN A 125 -13.53 -26.64 5.41
N LEU A 126 -14.82 -26.83 5.70
CA LEU A 126 -15.19 -27.54 6.93
C LEU A 126 -14.50 -28.90 6.98
N LYS A 127 -14.38 -29.53 5.82
CA LYS A 127 -13.74 -30.86 5.77
C LYS A 127 -12.26 -30.81 6.16
N SER A 128 -11.67 -29.63 6.10
CA SER A 128 -10.27 -29.48 6.47
C SER A 128 -10.09 -29.20 7.95
N GLY A 129 -11.17 -28.94 8.66
CA GLY A 129 -11.08 -28.75 10.11
C GLY A 129 -11.15 -27.29 10.56
N THR A 130 -11.38 -26.36 9.63
CA THR A 130 -11.50 -24.95 9.99
CA THR A 130 -11.46 -24.95 9.96
C THR A 130 -12.75 -24.35 9.39
N ALA A 131 -13.18 -23.23 9.96
CA ALA A 131 -14.37 -22.54 9.45
C ALA A 131 -14.06 -21.06 9.35
N SER A 132 -14.18 -20.49 8.16
CA SER A 132 -14.08 -19.07 8.00
C SER A 132 -15.42 -18.53 7.57
N VAL A 133 -15.87 -17.48 8.24
CA VAL A 133 -17.11 -16.84 7.87
C VAL A 133 -16.77 -15.47 7.35
N VAL A 134 -17.35 -15.09 6.20
CA VAL A 134 -16.97 -13.83 5.60
C VAL A 134 -18.13 -12.86 5.54
N CYS A 135 -17.85 -11.59 5.90
N CYS A 135 -17.85 -11.61 5.89
CA CYS A 135 -18.84 -10.51 5.78
CA CYS A 135 -18.82 -10.59 5.67
C CYS A 135 -18.34 -9.47 4.81
C CYS A 135 -18.25 -9.64 4.64
N LEU A 136 -19.12 -9.20 3.74
CA LEU A 136 -18.72 -8.20 2.73
C LEU A 136 -19.57 -6.94 2.90
N LEU A 137 -18.91 -5.79 2.92
CA LEU A 137 -19.57 -4.47 2.90
C LEU A 137 -19.22 -3.90 1.52
N ASN A 138 -20.20 -3.81 0.63
CA ASN A 138 -19.86 -3.52 -0.75
C ASN A 138 -20.29 -2.12 -1.20
N ASN A 139 -19.39 -1.43 -1.91
CA ASN A 139 -19.70 -0.20 -2.65
C ASN A 139 -20.26 0.92 -1.82
N PHE A 140 -19.51 1.31 -0.78
CA PHE A 140 -19.98 2.38 0.10
C PHE A 140 -19.07 3.63 -0.03
N TYR A 141 -19.58 4.76 0.45
CA TYR A 141 -18.84 6.00 0.52
C TYR A 141 -19.50 6.86 1.60
N PRO A 142 -18.72 7.49 2.51
CA PRO A 142 -17.25 7.57 2.56
C PRO A 142 -16.62 6.29 3.12
N ARG A 143 -15.30 6.32 3.25
N ARG A 143 -15.30 6.31 3.27
CA ARG A 143 -14.55 5.12 3.56
CA ARG A 143 -14.55 5.09 3.57
C ARG A 143 -14.77 4.58 4.97
C ARG A 143 -14.76 4.57 4.98
N GLU A 144 -15.16 5.42 5.90
CA GLU A 144 -15.27 4.98 7.31
C GLU A 144 -16.45 4.05 7.50
N ALA A 145 -16.19 2.86 8.02
CA ALA A 145 -17.26 1.90 8.31
C ALA A 145 -16.75 1.04 9.43
N LYS A 146 -17.67 0.46 10.17
CA LYS A 146 -17.30 -0.45 11.24
C LYS A 146 -18.08 -1.74 11.12
N VAL A 147 -17.43 -2.87 11.37
N VAL A 147 -17.39 -2.85 11.36
CA VAL A 147 -18.09 -4.15 11.37
CA VAL A 147 -18.05 -4.14 11.41
C VAL A 147 -17.74 -4.87 12.65
C VAL A 147 -17.74 -4.83 12.71
N GLN A 148 -18.75 -5.49 13.25
CA GLN A 148 -18.54 -6.30 14.44
C GLN A 148 -19.17 -7.63 14.22
N TRP A 149 -18.55 -8.67 14.77
CA TRP A 149 -19.09 -10.00 14.68
C TRP A 149 -19.78 -10.38 16.00
N LYS A 150 -20.97 -11.01 15.91
CA LYS A 150 -21.64 -11.57 17.10
C LYS A 150 -21.97 -13.00 16.81
N VAL A 151 -21.62 -13.90 17.76
CA VAL A 151 -21.89 -15.30 17.60
C VAL A 151 -22.80 -15.68 18.78
N ASP A 152 -24.01 -16.15 18.51
CA ASP A 152 -25.06 -16.34 19.57
C ASP A 152 -25.14 -15.12 20.48
N ASN A 153 -25.11 -13.98 19.80
N ASN A 153 -25.17 -13.96 19.83
CA ASN A 153 -25.24 -12.64 20.36
CA ASN A 153 -25.27 -12.65 20.49
C ASN A 153 -24.02 -12.18 21.18
C ASN A 153 -24.07 -12.28 21.35
N ALA A 154 -22.95 -12.97 21.17
CA ALA A 154 -21.75 -12.60 21.93
C ALA A 154 -20.75 -11.88 21.01
N LEU A 155 -20.37 -10.65 21.36
CA LEU A 155 -19.43 -9.86 20.58
C LEU A 155 -18.03 -10.53 20.55
N GLN A 156 -17.49 -10.71 19.35
CA GLN A 156 -16.23 -11.40 19.15
C GLN A 156 -15.10 -10.41 19.14
N SER A 157 -13.94 -10.89 19.58
CA SER A 157 -12.74 -10.10 19.50
C SER A 157 -11.55 -11.00 19.20
N GLY A 158 -10.64 -10.54 18.35
CA GLY A 158 -9.38 -11.23 18.18
C GLY A 158 -9.38 -12.42 17.23
N ASN A 159 -10.53 -12.74 16.64
CA ASN A 159 -10.62 -13.89 15.72
C ASN A 159 -11.06 -13.47 14.32
N SER A 160 -10.97 -12.18 14.02
CA SER A 160 -11.31 -11.71 12.70
C SER A 160 -10.25 -10.72 12.17
N GLN A 161 -10.24 -10.64 10.84
CA GLN A 161 -9.43 -9.65 10.21
C GLN A 161 -10.16 -9.01 9.07
N GLU A 162 -9.76 -7.77 8.78
CA GLU A 162 -10.44 -7.12 7.67
C GLU A 162 -9.50 -6.37 6.78
N SER A 163 -10.01 -6.11 5.57
CA SER A 163 -9.26 -5.21 4.69
C SER A 163 -10.23 -4.48 3.75
N VAL A 164 -9.71 -3.41 3.18
CA VAL A 164 -10.51 -2.45 2.43
C VAL A 164 -9.84 -2.24 1.07
N THR A 165 -10.66 -2.11 0.04
CA THR A 165 -10.11 -1.86 -1.27
C THR A 165 -9.67 -0.39 -1.42
N GLU A 166 -8.89 -0.10 -2.46
CA GLU A 166 -8.67 1.28 -2.89
C GLU A 166 -9.95 1.79 -3.53
N GLN A 167 -10.07 3.12 -3.58
CA GLN A 167 -11.26 3.72 -4.09
C GLN A 167 -11.48 3.23 -5.55
N ASP A 168 -12.70 2.79 -5.88
CA ASP A 168 -12.96 2.21 -7.20
C ASP A 168 -12.81 3.30 -8.27
N SER A 169 -12.10 2.93 -9.34
CA SER A 169 -11.82 3.93 -10.35
C SER A 169 -13.06 4.34 -11.15
N LYS A 170 -14.10 3.51 -11.15
CA LYS A 170 -15.30 3.82 -11.93
C LYS A 170 -16.46 4.39 -11.14
N ASP A 171 -16.65 4.00 -9.87
CA ASP A 171 -17.79 4.56 -9.16
C ASP A 171 -17.37 5.25 -7.85
N SER A 172 -16.05 5.31 -7.61
CA SER A 172 -15.47 6.03 -6.48
C SER A 172 -15.93 5.50 -5.10
N THR A 173 -16.41 4.27 -5.04
CA THR A 173 -16.75 3.65 -3.76
C THR A 173 -15.63 2.79 -3.20
N TYR A 174 -15.85 2.35 -1.96
CA TYR A 174 -14.99 1.41 -1.28
C TYR A 174 -15.74 0.11 -1.00
N SER A 175 -15.00 -0.99 -0.82
CA SER A 175 -15.61 -2.18 -0.25
C SER A 175 -14.70 -2.70 0.86
N LEU A 176 -15.26 -3.50 1.76
CA LEU A 176 -14.49 -4.00 2.91
C LEU A 176 -14.92 -5.45 3.14
N SER A 177 -13.96 -6.32 3.45
N SER A 177 -13.96 -6.32 3.45
CA SER A 177 -14.37 -7.67 3.85
CA SER A 177 -14.29 -7.72 3.75
C SER A 177 -13.79 -7.92 5.21
C SER A 177 -13.69 -8.10 5.10
N SER A 178 -14.47 -8.79 5.94
CA SER A 178 -14.01 -9.22 7.24
C SER A 178 -14.21 -10.73 7.30
N THR A 179 -13.21 -11.41 7.87
CA THR A 179 -13.24 -12.87 7.93
C THR A 179 -13.08 -13.25 9.38
N LEU A 180 -14.04 -14.04 9.88
N LEU A 180 -14.04 -14.03 9.86
CA LEU A 180 -13.97 -14.60 11.23
CA LEU A 180 -14.05 -14.62 11.20
C LEU A 180 -13.66 -16.10 11.13
C LEU A 180 -13.55 -16.04 11.00
N THR A 181 -12.61 -16.51 11.82
CA THR A 181 -12.12 -17.89 11.71
C THR A 181 -12.14 -18.62 13.05
N LEU A 182 -12.69 -19.83 13.03
CA LEU A 182 -12.70 -20.69 14.21
C LEU A 182 -12.29 -22.10 13.78
N SER A 183 -11.98 -22.97 14.74
CA SER A 183 -11.81 -24.38 14.37
C SER A 183 -13.20 -24.94 14.03
N LYS A 184 -13.26 -26.06 13.33
CA LYS A 184 -14.55 -26.63 12.98
C LYS A 184 -15.28 -26.98 14.27
N ALA A 185 -14.58 -27.60 15.22
CA ALA A 185 -15.24 -27.94 16.47
C ALA A 185 -15.86 -26.73 17.15
N ASP A 186 -15.15 -25.60 17.20
CA ASP A 186 -15.74 -24.43 17.83
C ASP A 186 -16.85 -23.83 17.01
N TYR A 187 -16.71 -23.85 15.68
CA TYR A 187 -17.78 -23.37 14.81
C TYR A 187 -19.08 -24.11 15.11
N GLU A 188 -18.95 -25.42 15.31
CA GLU A 188 -20.11 -26.28 15.55
C GLU A 188 -20.77 -26.16 16.95
N LYS A 189 -20.16 -25.37 17.84
N LYS A 189 -20.18 -25.36 17.83
CA LYS A 189 -20.71 -25.15 19.19
CA LYS A 189 -20.74 -25.17 19.17
C LYS A 189 -21.73 -24.04 19.22
C LYS A 189 -21.83 -24.12 19.17
N HIS A 190 -21.88 -23.33 18.11
CA HIS A 190 -22.71 -22.12 18.09
C HIS A 190 -23.73 -22.17 16.96
N LYS A 191 -24.82 -21.43 17.11
CA LYS A 191 -25.89 -21.47 16.12
C LYS A 191 -25.91 -20.22 15.21
N VAL A 192 -26.01 -19.05 15.82
CA VAL A 192 -26.22 -17.82 15.05
C VAL A 192 -24.93 -17.03 14.81
N TYR A 193 -24.63 -16.79 13.54
CA TYR A 193 -23.45 -16.02 13.13
C TYR A 193 -23.93 -14.76 12.50
N ALA A 194 -23.47 -13.62 13.02
CA ALA A 194 -24.01 -12.33 12.55
C ALA A 194 -22.89 -11.33 12.44
N CYS A 195 -23.00 -10.47 11.41
CA CYS A 195 -22.12 -9.30 11.33
CA CYS A 195 -22.13 -9.34 11.21
C CYS A 195 -22.98 -8.06 11.34
N GLU A 196 -22.54 -7.10 12.15
CA GLU A 196 -23.30 -5.87 12.34
C GLU A 196 -22.47 -4.69 11.82
N VAL A 197 -23.10 -3.87 10.98
CA VAL A 197 -22.38 -2.84 10.25
C VAL A 197 -22.89 -1.42 10.54
N THR A 198 -21.97 -0.49 10.78
CA THR A 198 -22.34 0.90 10.92
CA THR A 198 -22.24 0.91 11.02
C THR A 198 -21.58 1.78 9.91
N HIS A 199 -22.24 2.83 9.43
CA HIS A 199 -21.71 3.68 8.34
C HIS A 199 -22.53 4.97 8.31
N GLN A 200 -21.92 6.07 7.86
N GLN A 200 -21.93 6.07 7.85
CA GLN A 200 -22.59 7.37 7.80
CA GLN A 200 -22.61 7.36 7.86
C GLN A 200 -23.91 7.26 7.09
C GLN A 200 -23.86 7.37 6.99
N GLY A 201 -23.95 6.43 6.04
CA GLY A 201 -25.11 6.28 5.20
C GLY A 201 -26.25 5.46 5.78
N LEU A 202 -26.06 4.90 6.99
CA LEU A 202 -27.07 4.05 7.60
C LEU A 202 -27.64 4.77 8.79
N SER A 203 -28.95 4.82 8.91
CA SER A 203 -29.55 5.50 10.05
C SER A 203 -29.48 4.68 11.31
N SER A 204 -29.37 3.37 11.18
CA SER A 204 -29.12 2.48 12.32
C SER A 204 -28.31 1.29 11.81
N PRO A 205 -27.68 0.53 12.72
CA PRO A 205 -26.83 -0.56 12.22
C PRO A 205 -27.61 -1.62 11.43
N VAL A 206 -26.93 -2.21 10.45
CA VAL A 206 -27.47 -3.29 9.64
C VAL A 206 -26.82 -4.56 10.11
N THR A 207 -27.64 -5.58 10.36
CA THR A 207 -27.10 -6.89 10.72
C THR A 207 -27.48 -7.88 9.63
N LYS A 208 -26.52 -8.69 9.20
CA LYS A 208 -26.78 -9.88 8.37
C LYS A 208 -26.36 -11.10 9.15
N SER A 209 -27.17 -12.16 9.11
CA SER A 209 -26.85 -13.33 9.90
C SER A 209 -27.33 -14.60 9.22
N PHE A 210 -26.82 -15.72 9.68
CA PHE A 210 -27.36 -17.01 9.30
C PHE A 210 -27.33 -17.92 10.53
N ASN A 211 -28.14 -18.97 10.50
CA ASN A 211 -28.09 -20.05 11.49
C ASN A 211 -27.30 -21.20 10.90
N ARG A 212 -26.29 -21.68 11.62
CA ARG A 212 -25.43 -22.73 11.14
C ARG A 212 -26.24 -23.94 10.74
N GLY A 213 -26.01 -24.43 9.52
CA GLY A 213 -26.62 -25.68 9.09
C GLY A 213 -27.84 -25.55 8.18
N GLU A 214 -28.51 -24.41 8.22
CA GLU A 214 -29.67 -24.20 7.35
C GLU A 214 -29.32 -24.04 5.85
N GLN B 1 18.70 8.47 -20.70
CA GLN B 1 17.85 8.72 -19.54
C GLN B 1 18.34 7.88 -18.37
N VAL B 2 18.20 8.37 -17.15
CA VAL B 2 18.64 7.58 -15.99
C VAL B 2 17.62 6.49 -15.68
N GLN B 3 18.08 5.25 -15.48
CA GLN B 3 17.17 4.17 -15.08
C GLN B 3 17.79 3.45 -13.89
N LEU B 4 16.97 3.15 -12.87
CA LEU B 4 17.47 2.39 -11.72
C LEU B 4 16.75 1.06 -11.68
N VAL B 5 17.45 -0.08 -11.65
CA VAL B 5 16.78 -1.36 -11.60
C VAL B 5 17.23 -2.12 -10.36
N GLN B 6 16.27 -2.56 -9.56
CA GLN B 6 16.58 -3.24 -8.28
C GLN B 6 16.47 -4.74 -8.40
N SER B 7 17.12 -5.39 -7.46
CA SER B 7 16.97 -6.83 -7.31
C SER B 7 15.59 -7.26 -6.85
N GLY B 8 15.30 -8.55 -6.95
CA GLY B 8 13.94 -9.02 -6.76
C GLY B 8 13.54 -9.23 -5.31
N ALA B 9 12.28 -9.57 -5.10
CA ALA B 9 11.76 -9.75 -3.74
C ALA B 9 12.52 -10.76 -2.92
N GLU B 10 12.56 -10.59 -1.61
N GLU B 10 12.55 -10.54 -1.60
CA GLU B 10 13.20 -11.60 -0.80
CA GLU B 10 13.28 -11.37 -0.66
C GLU B 10 12.58 -11.76 0.58
C GLU B 10 12.33 -11.79 0.48
N VAL B 11 12.46 -13.01 0.98
CA VAL B 11 11.93 -13.39 2.30
C VAL B 11 13.13 -13.66 3.17
N LYS B 12 13.17 -13.02 4.33
CA LYS B 12 14.30 -13.12 5.26
C LYS B 12 13.77 -13.51 6.65
N ARG B 13 14.53 -14.34 7.35
CA ARG B 13 14.15 -14.71 8.72
C ARG B 13 14.47 -13.60 9.72
N PRO B 14 13.66 -13.52 10.78
CA PRO B 14 13.97 -12.54 11.83
C PRO B 14 15.42 -12.73 12.29
N GLY B 15 16.10 -11.60 12.51
CA GLY B 15 17.45 -11.61 13.00
C GLY B 15 18.48 -11.68 11.89
N SER B 16 18.03 -11.97 10.66
CA SER B 16 19.02 -12.05 9.57
C SER B 16 19.31 -10.65 8.99
N SER B 17 20.17 -10.64 7.98
CA SER B 17 20.52 -9.42 7.25
CA SER B 17 20.50 -9.40 7.24
C SER B 17 20.11 -9.56 5.79
N VAL B 18 19.62 -8.49 5.20
CA VAL B 18 19.25 -8.47 3.77
C VAL B 18 20.15 -7.50 2.99
N THR B 19 20.49 -7.88 1.76
CA THR B 19 21.17 -6.94 0.84
C THR B 19 20.28 -6.75 -0.38
N VAL B 20 20.02 -5.50 -0.73
CA VAL B 20 19.25 -5.14 -1.91
C VAL B 20 20.16 -4.37 -2.84
N SER B 21 20.09 -4.68 -4.13
CA SER B 21 20.93 -3.92 -5.09
C SER B 21 20.15 -3.00 -6.01
N CYS B 22 20.84 -1.99 -6.51
CA CYS B 22 20.23 -1.02 -7.40
C CYS B 22 21.22 -0.64 -8.47
N LYS B 23 20.94 -1.06 -9.71
CA LYS B 23 21.89 -0.85 -10.81
C LYS B 23 21.43 0.34 -11.62
N ALA B 24 22.33 1.29 -11.86
CA ALA B 24 21.98 2.52 -12.58
C ALA B 24 22.55 2.46 -14.01
N SER B 25 21.79 3.03 -14.93
CA SER B 25 22.35 3.32 -16.25
C SER B 25 21.93 4.71 -16.70
N GLY B 26 22.76 5.39 -17.52
CA GLY B 26 22.51 6.79 -17.88
C GLY B 26 23.06 7.75 -16.85
N GLY B 27 23.45 8.95 -17.25
CA GLY B 27 23.95 9.93 -16.30
C GLY B 27 25.21 9.48 -15.58
N SER B 28 25.63 10.23 -14.58
CA SER B 28 26.88 9.96 -13.88
C SER B 28 26.59 9.31 -12.53
N PHE B 29 27.03 8.08 -12.39
CA PHE B 29 26.84 7.37 -11.16
C PHE B 29 27.67 7.98 -10.04
N SER B 30 28.89 8.40 -10.35
CA SER B 30 29.79 8.72 -9.25
C SER B 30 29.53 10.03 -8.50
N THR B 31 28.96 11.01 -9.19
CA THR B 31 28.89 12.35 -8.62
C THR B 31 27.48 12.79 -8.25
N TYR B 32 26.55 11.84 -8.20
CA TYR B 32 25.21 12.17 -7.78
C TYR B 32 24.81 11.25 -6.61
N ALA B 33 24.03 11.82 -5.70
CA ALA B 33 23.67 11.14 -4.47
C ALA B 33 22.61 10.07 -4.70
N LEU B 34 22.84 8.87 -4.15
CA LEU B 34 21.86 7.79 -4.25
C LEU B 34 21.37 7.46 -2.84
N SER B 35 20.07 7.42 -2.67
CA SER B 35 19.44 7.15 -1.37
C SER B 35 18.59 5.90 -1.38
N TRP B 36 18.33 5.39 -0.18
CA TRP B 36 17.36 4.31 0.00
C TRP B 36 16.20 4.85 0.85
N VAL B 37 14.98 4.55 0.41
CA VAL B 37 13.73 5.00 1.06
C VAL B 37 12.84 3.81 1.18
N ARG B 38 12.22 3.56 2.34
CA ARG B 38 11.30 2.43 2.42
C ARG B 38 9.89 2.82 2.68
N GLN B 39 8.99 1.91 2.32
CA GLN B 39 7.57 2.13 2.48
C GLN B 39 6.99 0.92 3.18
N ALA B 40 6.78 1.10 4.49
CA ALA B 40 6.35 0.05 5.36
C ALA B 40 4.95 0.40 5.71
N PRO B 41 4.14 -0.62 5.94
CA PRO B 41 2.73 -0.40 6.37
C PRO B 41 2.60 0.62 7.52
N GLY B 42 1.77 1.66 7.31
CA GLY B 42 1.46 2.60 8.37
C GLY B 42 2.49 3.71 8.51
N ARG B 43 3.51 3.66 7.65
CA ARG B 43 4.64 4.55 7.85
C ARG B 43 5.02 5.30 6.60
N GLY B 44 4.08 5.43 5.62
CA GLY B 44 4.37 6.36 4.54
C GLY B 44 5.70 6.03 3.92
N LEU B 45 6.47 7.01 3.50
CA LEU B 45 7.83 6.89 3.00
C LEU B 45 8.77 7.28 4.14
N GLU B 46 9.91 6.61 4.27
CA GLU B 46 10.90 6.94 5.28
C GLU B 46 12.26 6.90 4.61
N TRP B 47 13.02 7.97 4.70
CA TRP B 47 14.38 8.06 4.18
C TRP B 47 15.30 7.34 5.13
N MET B 48 16.08 6.40 4.59
CA MET B 48 16.97 5.58 5.43
C MET B 48 18.42 6.06 5.42
N GLY B 49 18.90 6.46 4.24
CA GLY B 49 20.29 6.83 4.13
C GLY B 49 20.68 7.03 2.68
N GLY B 50 21.88 7.53 2.45
CA GLY B 50 22.37 7.72 1.09
C GLY B 50 23.90 7.67 1.02
N VAL B 51 24.43 7.62 -0.21
CA VAL B 51 25.87 7.55 -0.46
C VAL B 51 26.19 8.47 -1.68
N ILE B 52 27.39 9.06 -1.65
CA ILE B 52 27.93 9.75 -2.82
C ILE B 52 29.14 8.92 -3.24
N PRO B 53 29.02 8.19 -4.35
CA PRO B 53 30.07 7.19 -4.63
C PRO B 53 31.51 7.74 -4.77
N LEU B 54 31.70 8.87 -5.43
CA LEU B 54 33.05 9.35 -5.72
C LEU B 54 33.77 9.59 -4.41
N LEU B 55 33.03 10.05 -3.39
CA LEU B 55 33.65 10.41 -2.13
C LEU B 55 33.65 9.28 -1.12
N THR B 56 32.90 8.22 -1.43
CA THR B 56 32.59 7.12 -0.51
C THR B 56 32.14 7.68 0.82
N ILE B 57 31.27 8.66 0.77
CA ILE B 57 30.72 9.16 2.00
C ILE B 57 29.26 8.74 2.09
N THR B 58 28.83 8.33 3.28
CA THR B 58 27.44 7.99 3.53
C THR B 58 26.80 8.94 4.53
N ASN B 59 25.49 8.90 4.57
CA ASN B 59 24.69 9.72 5.49
C ASN B 59 23.51 8.87 5.87
N TYR B 60 23.45 8.43 7.15
CA TYR B 60 22.39 7.50 7.57
C TYR B 60 21.38 8.21 8.50
N ALA B 61 20.12 7.87 8.40
CA ALA B 61 19.14 8.40 9.32
C ALA B 61 19.41 7.81 10.71
N PRO B 62 19.31 8.63 11.76
CA PRO B 62 19.60 8.08 13.10
C PRO B 62 18.81 6.80 13.38
N ARG B 63 17.58 6.68 12.91
CA ARG B 63 16.80 5.46 13.23
C ARG B 63 17.45 4.17 12.73
N PHE B 64 18.35 4.29 11.74
CA PHE B 64 18.99 3.12 11.15
C PHE B 64 20.48 3.06 11.39
N GLN B 65 21.04 4.10 12.00
CA GLN B 65 22.47 4.18 12.23
C GLN B 65 22.85 3.09 13.23
N GLY B 66 23.68 2.14 12.79
CA GLY B 66 24.03 1.01 13.63
C GLY B 66 23.49 -0.28 13.05
N ARG B 67 22.55 -0.18 12.10
CA ARG B 67 21.92 -1.32 11.50
C ARG B 67 21.99 -1.37 9.99
N ILE B 68 22.59 -0.34 9.40
N ILE B 68 22.51 -0.31 9.38
CA ILE B 68 22.55 -0.20 7.95
CA ILE B 68 22.61 -0.31 7.92
C ILE B 68 23.95 0.05 7.36
C ILE B 68 24.00 -0.02 7.38
N THR B 69 24.21 -0.49 6.17
CA THR B 69 25.42 -0.13 5.40
C THR B 69 24.99 0.14 3.97
N ILE B 70 25.40 1.30 3.42
CA ILE B 70 25.13 1.55 2.00
C ILE B 70 26.48 1.61 1.30
N THR B 71 26.62 0.89 0.19
N THR B 71 26.68 0.83 0.24
CA THR B 71 27.89 0.90 -0.53
CA THR B 71 27.94 0.89 -0.52
C THR B 71 27.63 1.14 -1.99
C THR B 71 27.69 0.99 -2.02
N ALA B 72 28.66 1.55 -2.72
CA ALA B 72 28.49 1.78 -4.14
C ALA B 72 29.68 1.16 -4.87
N ASP B 73 29.43 0.48 -5.98
CA ASP B 73 30.49 -0.11 -6.79
C ASP B 73 30.51 0.69 -8.11
N ARG B 74 31.50 1.56 -8.25
CA ARG B 74 31.63 2.39 -9.45
C ARG B 74 31.91 1.58 -10.67
N SER B 75 32.49 0.40 -10.52
CA SER B 75 32.80 -0.37 -11.72
C SER B 75 31.57 -0.90 -12.43
N THR B 76 30.48 -1.09 -11.70
CA THR B 76 29.24 -1.62 -12.23
C THR B 76 28.06 -0.65 -12.08
N SER B 77 28.31 0.56 -11.56
CA SER B 77 27.25 1.55 -11.33
C SER B 77 26.10 0.94 -10.50
N THR B 78 26.46 0.15 -9.49
CA THR B 78 25.49 -0.52 -8.63
C THR B 78 25.64 -0.05 -7.19
N ALA B 79 24.53 0.31 -6.55
CA ALA B 79 24.55 0.66 -5.13
C ALA B 79 23.86 -0.44 -4.37
N TYR B 80 24.22 -0.61 -3.10
CA TYR B 80 23.69 -1.70 -2.29
C TYR B 80 23.22 -1.17 -0.94
N LEU B 81 22.12 -1.74 -0.43
CA LEU B 81 21.64 -1.51 0.92
C LEU B 81 21.75 -2.80 1.69
N GLU B 82 22.44 -2.78 2.84
CA GLU B 82 22.39 -3.89 3.82
CA GLU B 82 22.34 -3.89 3.77
C GLU B 82 21.59 -3.40 5.01
N LEU B 83 20.64 -4.21 5.47
CA LEU B 83 19.92 -3.90 6.71
C LEU B 83 19.99 -5.16 7.55
N ASN B 84 20.44 -4.99 8.79
CA ASN B 84 20.75 -6.11 9.70
C ASN B 84 19.73 -6.26 10.82
N SER B 85 19.82 -7.37 11.54
CA SER B 85 19.00 -7.59 12.72
CA SER B 85 18.98 -7.63 12.70
C SER B 85 17.52 -7.38 12.37
N LEU B 86 17.05 -8.04 11.31
CA LEU B 86 15.70 -7.79 10.79
C LEU B 86 14.58 -8.21 11.74
N ARG B 87 13.56 -7.37 11.78
N ARG B 87 13.51 -7.46 11.73
CA ARG B 87 12.36 -7.60 12.57
CA ARG B 87 12.38 -7.79 12.54
C ARG B 87 11.12 -7.51 11.69
C ARG B 87 11.13 -7.53 11.71
N PRO B 88 9.96 -7.97 12.21
CA PRO B 88 8.75 -7.89 11.37
C PRO B 88 8.44 -6.49 10.90
N GLU B 89 8.80 -5.50 11.69
CA GLU B 89 8.50 -4.13 11.32
C GLU B 89 9.39 -3.65 10.19
N ASP B 90 10.37 -4.44 9.77
CA ASP B 90 11.19 -4.09 8.61
C ASP B 90 10.59 -4.64 7.30
N THR B 91 9.48 -5.39 7.40
CA THR B 91 8.76 -5.76 6.18
C THR B 91 8.31 -4.51 5.46
N ALA B 92 8.74 -4.35 4.21
CA ALA B 92 8.48 -3.09 3.51
C ALA B 92 8.87 -3.22 2.06
N VAL B 93 8.45 -2.24 1.26
CA VAL B 93 9.03 -2.08 -0.07
C VAL B 93 10.22 -1.11 0.06
N TYR B 94 11.41 -1.49 -0.43
CA TYR B 94 12.61 -0.69 -0.30
C TYR B 94 12.88 -0.12 -1.71
N TYR B 95 13.06 1.21 -1.81
CA TYR B 95 13.34 1.83 -3.10
C TYR B 95 14.71 2.46 -3.07
N CYS B 96 15.44 2.39 -4.17
CA CYS B 96 16.57 3.30 -4.29
CA CYS B 96 16.60 3.20 -4.43
C CYS B 96 16.11 4.49 -5.12
N ALA B 97 16.76 5.63 -4.87
CA ALA B 97 16.33 6.86 -5.51
C ALA B 97 17.53 7.74 -5.72
N ARG B 98 17.63 8.33 -6.89
CA ARG B 98 18.76 9.19 -7.20
CA ARG B 98 18.76 9.19 -7.18
C ARG B 98 18.30 10.62 -7.38
N GLU B 99 19.11 11.58 -6.92
CA GLU B 99 18.69 12.97 -7.09
C GLU B 99 18.60 13.34 -8.57
N GLY B 100 17.74 14.30 -8.85
CA GLY B 100 17.62 14.81 -10.19
C GLY B 100 18.65 15.84 -10.54
N THR B 101 18.57 16.31 -11.77
CA THR B 101 19.47 17.34 -12.29
C THR B 101 18.68 18.35 -13.06
N THR B 102 19.24 19.54 -13.25
CA THR B 102 18.60 20.46 -14.18
C THR B 102 19.32 20.37 -15.52
C LEU B 107 25.09 17.16 -15.89
N GLY B 108 23.87 17.52 -15.54
CA GLY B 108 23.58 18.86 -15.07
C GLY B 108 23.70 19.06 -13.56
N LYS B 109 23.29 20.24 -13.12
CA LYS B 109 23.43 20.62 -11.73
C LYS B 109 22.46 19.78 -10.91
N PRO B 110 22.96 19.16 -9.81
CA PRO B 110 22.08 18.30 -9.02
C PRO B 110 21.06 19.09 -8.19
N ILE B 111 19.90 18.47 -7.88
CA ILE B 111 18.83 19.16 -7.23
C ILE B 111 18.51 18.66 -5.81
N GLY B 112 19.17 17.58 -5.38
CA GLY B 112 18.95 17.04 -4.01
C GLY B 112 17.73 16.14 -3.95
N ALA B 113 16.57 16.69 -4.30
CA ALA B 113 15.33 15.93 -4.36
C ALA B 113 15.43 14.72 -5.31
N PHE B 114 14.59 13.71 -5.06
CA PHE B 114 14.76 12.40 -5.70
C PHE B 114 13.94 12.33 -7.01
N ALA B 115 14.57 12.52 -8.15
CA ALA B 115 13.84 12.48 -9.42
C ALA B 115 13.74 11.09 -9.99
N HIS B 116 14.67 10.21 -9.64
CA HIS B 116 14.74 8.93 -10.32
C HIS B 116 14.59 7.83 -9.26
N TRP B 117 13.67 6.93 -9.51
CA TRP B 117 13.35 5.87 -8.54
C TRP B 117 13.47 4.50 -9.19
N GLY B 118 14.00 3.54 -8.41
CA GLY B 118 13.93 2.13 -8.80
C GLY B 118 12.50 1.62 -8.72
N GLN B 119 12.25 0.38 -9.12
CA GLN B 119 10.90 -0.13 -9.13
C GLN B 119 10.46 -0.63 -7.74
N GLY B 120 11.39 -0.66 -6.80
CA GLY B 120 11.09 -1.20 -5.48
C GLY B 120 11.42 -2.66 -5.31
N THR B 121 11.74 -3.09 -4.09
CA THR B 121 12.03 -4.46 -3.73
C THR B 121 11.21 -4.78 -2.47
N LEU B 122 10.32 -5.76 -2.56
CA LEU B 122 9.60 -6.19 -1.39
C LEU B 122 10.49 -7.10 -0.53
N VAL B 123 10.75 -6.72 0.71
CA VAL B 123 11.46 -7.59 1.66
C VAL B 123 10.44 -7.99 2.70
N THR B 124 10.19 -9.29 2.84
CA THR B 124 9.27 -9.81 3.87
C THR B 124 10.06 -10.48 4.98
N VAL B 125 9.91 -10.03 6.22
CA VAL B 125 10.66 -10.63 7.34
C VAL B 125 9.70 -11.53 8.09
N SER B 126 9.99 -12.83 8.04
CA SER B 126 9.04 -13.82 8.51
C SER B 126 9.69 -15.15 8.75
N SER B 127 9.15 -15.92 9.71
CA SER B 127 9.57 -17.31 9.90
C SER B 127 8.76 -18.33 9.13
N ALA B 128 7.78 -17.88 8.34
CA ALA B 128 6.89 -18.81 7.63
C ALA B 128 7.61 -19.46 6.45
N SER B 129 7.08 -20.61 6.05
CA SER B 129 7.60 -21.30 4.89
C SER B 129 6.64 -21.18 3.73
N THR B 130 7.17 -21.36 2.54
CA THR B 130 6.34 -21.24 1.33
C THR B 130 5.15 -22.18 1.43
N LYS B 131 3.96 -21.70 1.10
CA LYS B 131 2.75 -22.49 1.23
C LYS B 131 1.75 -22.05 0.20
N GLY B 132 1.15 -23.02 -0.51
CA GLY B 132 0.14 -22.63 -1.46
C GLY B 132 -1.22 -22.52 -0.78
N PRO B 133 -2.10 -21.69 -1.30
CA PRO B 133 -3.39 -21.49 -0.65
C PRO B 133 -4.41 -22.56 -0.98
N SER B 134 -5.42 -22.70 -0.12
N SER B 134 -5.44 -22.68 -0.14
CA SER B 134 -6.66 -23.36 -0.51
CA SER B 134 -6.67 -23.38 -0.51
C SER B 134 -7.51 -22.26 -1.15
C SER B 134 -7.72 -22.35 -0.94
N VAL B 135 -8.39 -22.66 -2.03
CA VAL B 135 -9.31 -21.71 -2.61
C VAL B 135 -10.72 -22.20 -2.34
N PHE B 136 -11.44 -21.45 -1.51
CA PHE B 136 -12.78 -21.86 -1.11
C PHE B 136 -13.82 -20.94 -1.71
N PRO B 137 -14.97 -21.48 -2.09
CA PRO B 137 -15.99 -20.64 -2.68
C PRO B 137 -16.73 -19.80 -1.62
N LEU B 138 -17.13 -18.60 -2.02
CA LEU B 138 -18.07 -17.79 -1.22
C LEU B 138 -19.35 -17.81 -2.06
N ALA B 139 -20.21 -18.80 -1.79
CA ALA B 139 -21.39 -19.11 -2.68
C ALA B 139 -22.42 -18.01 -2.63
N PRO B 140 -23.02 -17.69 -3.79
CA PRO B 140 -24.10 -16.71 -3.72
C PRO B 140 -25.30 -17.37 -3.02
N SER B 141 -26.04 -16.61 -2.22
CA SER B 141 -27.09 -17.21 -1.42
C SER B 141 -28.36 -16.34 -1.39
N SER B 142 -29.27 -16.69 -0.47
CA SER B 142 -30.37 -15.83 -0.05
C SER B 142 -31.40 -15.56 -1.13
N GLY B 148 -32.00 -7.20 -6.75
CA GLY B 148 -31.82 -8.21 -7.77
C GLY B 148 -30.34 -8.46 -8.07
N THR B 149 -29.49 -8.15 -7.10
CA THR B 149 -28.03 -8.37 -7.21
C THR B 149 -27.57 -9.46 -6.23
N ALA B 150 -26.67 -10.35 -6.66
CA ALA B 150 -26.06 -11.32 -5.77
C ALA B 150 -24.57 -11.06 -5.69
N ALA B 151 -23.97 -11.36 -4.54
CA ALA B 151 -22.53 -11.33 -4.40
C ALA B 151 -22.01 -12.76 -4.31
N LEU B 152 -20.82 -12.98 -4.86
CA LEU B 152 -20.18 -14.28 -4.75
C LEU B 152 -18.67 -14.01 -4.77
N GLY B 153 -17.85 -15.02 -4.48
CA GLY B 153 -16.43 -14.75 -4.42
C GLY B 153 -15.63 -15.98 -4.15
N CYS B 154 -14.35 -15.76 -3.90
CA CYS B 154 -13.46 -16.83 -3.48
CA CYS B 154 -13.54 -16.84 -3.41
C CYS B 154 -12.58 -16.36 -2.33
N LEU B 155 -12.36 -17.26 -1.38
CA LEU B 155 -11.49 -17.04 -0.23
C LEU B 155 -10.21 -17.79 -0.53
N VAL B 156 -9.10 -17.08 -0.62
CA VAL B 156 -7.80 -17.66 -0.96
C VAL B 156 -7.03 -17.67 0.35
N LYS B 157 -7.00 -18.83 0.96
N LYS B 157 -7.04 -18.83 1.00
CA LYS B 157 -6.61 -18.88 2.37
CA LYS B 157 -6.59 -18.87 2.39
C LYS B 157 -5.30 -19.63 2.64
C LYS B 157 -5.27 -19.60 2.60
N ASP B 158 -4.44 -19.05 3.49
CA ASP B 158 -3.25 -19.69 4.03
C ASP B 158 -2.15 -19.86 3.02
N TYR B 159 -1.65 -18.76 2.48
CA TYR B 159 -0.51 -18.86 1.56
C TYR B 159 0.67 -18.04 2.05
N PHE B 160 1.86 -18.32 1.52
CA PHE B 160 3.03 -17.53 1.85
C PHE B 160 4.08 -17.78 0.77
N PRO B 161 4.85 -16.75 0.36
CA PRO B 161 4.75 -15.32 0.67
C PRO B 161 3.77 -14.64 -0.30
N GLU B 162 3.67 -13.31 -0.19
CA GLU B 162 2.95 -12.56 -1.24
C GLU B 162 3.73 -12.68 -2.56
N PRO B 163 3.08 -12.45 -3.72
CA PRO B 163 1.67 -12.09 -3.90
C PRO B 163 0.85 -13.25 -4.47
N VAL B 164 -0.46 -13.06 -4.45
N VAL B 164 -0.46 -13.10 -4.43
CA VAL B 164 -1.44 -13.88 -5.17
CA VAL B 164 -1.34 -13.89 -5.27
C VAL B 164 -2.15 -12.98 -6.17
C VAL B 164 -2.01 -12.95 -6.23
N THR B 165 -2.39 -13.48 -7.37
CA THR B 165 -3.25 -12.73 -8.30
C THR B 165 -4.56 -13.50 -8.51
N VAL B 166 -5.66 -12.79 -8.71
CA VAL B 166 -6.95 -13.38 -8.92
C VAL B 166 -7.61 -12.70 -10.10
N SER B 167 -8.14 -13.51 -11.00
CA SER B 167 -9.01 -12.98 -12.05
C SER B 167 -10.34 -13.73 -12.03
N TRP B 168 -11.33 -13.27 -12.81
CA TRP B 168 -12.60 -13.98 -12.90
C TRP B 168 -12.88 -14.32 -14.34
N ASN B 169 -13.33 -15.55 -14.61
CA ASN B 169 -13.66 -15.95 -15.98
C ASN B 169 -12.51 -15.62 -16.94
N SER B 170 -11.31 -15.97 -16.50
CA SER B 170 -10.11 -15.80 -17.32
C SER B 170 -9.89 -14.37 -17.77
N GLY B 171 -10.30 -13.42 -16.94
CA GLY B 171 -10.14 -12.03 -17.27
C GLY B 171 -11.32 -11.40 -17.98
N ALA B 172 -12.33 -12.20 -18.35
CA ALA B 172 -13.49 -11.64 -19.09
C ALA B 172 -14.38 -10.84 -18.17
N LEU B 173 -14.34 -11.16 -16.85
CA LEU B 173 -15.21 -10.47 -15.93
C LEU B 173 -14.38 -9.56 -15.03
N THR B 174 -14.61 -8.24 -15.13
CA THR B 174 -13.88 -7.28 -14.32
C THR B 174 -14.82 -6.28 -13.69
N SER B 175 -15.95 -6.03 -14.32
CA SER B 175 -16.90 -5.06 -13.78
CA SER B 175 -16.90 -5.07 -13.79
C SER B 175 -17.47 -5.57 -12.47
N GLY B 176 -17.40 -4.75 -11.42
CA GLY B 176 -17.92 -5.11 -10.09
C GLY B 176 -17.05 -6.09 -9.31
N VAL B 177 -15.87 -6.39 -9.86
CA VAL B 177 -14.91 -7.26 -9.12
C VAL B 177 -14.15 -6.44 -8.09
N HIS B 178 -14.02 -6.97 -6.84
CA HIS B 178 -13.18 -6.32 -5.82
C HIS B 178 -12.30 -7.41 -5.26
N THR B 179 -10.99 -7.24 -5.45
CA THR B 179 -10.04 -8.15 -4.83
C THR B 179 -9.33 -7.40 -3.72
N PHE B 180 -9.44 -7.96 -2.49
CA PHE B 180 -9.02 -7.22 -1.30
C PHE B 180 -7.52 -7.37 -1.07
N PRO B 181 -6.91 -6.40 -0.41
CA PRO B 181 -5.53 -6.61 0.09
C PRO B 181 -5.48 -7.81 0.99
N ALA B 182 -4.39 -8.55 0.88
CA ALA B 182 -4.18 -9.65 1.81
C ALA B 182 -4.09 -9.21 3.25
N VAL B 183 -4.56 -10.09 4.12
N VAL B 183 -4.45 -10.12 4.13
CA VAL B 183 -4.35 -9.94 5.57
CA VAL B 183 -4.32 -9.91 5.55
C VAL B 183 -3.31 -10.96 6.04
C VAL B 183 -3.38 -10.98 6.10
N LEU B 184 -2.55 -10.62 7.07
CA LEU B 184 -1.57 -11.52 7.66
C LEU B 184 -2.17 -12.11 8.92
N GLN B 185 -2.37 -13.45 8.93
CA GLN B 185 -3.00 -14.13 10.06
C GLN B 185 -2.02 -14.42 11.16
N SER B 186 -2.53 -14.87 12.30
CA SER B 186 -1.65 -15.16 13.45
C SER B 186 -0.60 -16.25 13.14
N SER B 187 -0.92 -17.15 12.20
CA SER B 187 0.03 -18.16 11.76
C SER B 187 1.19 -17.61 10.96
N GLY B 188 1.11 -16.36 10.50
CA GLY B 188 2.13 -15.83 9.60
C GLY B 188 1.81 -16.11 8.14
N LEU B 189 0.69 -16.80 7.90
CA LEU B 189 0.24 -17.00 6.51
C LEU B 189 -0.74 -15.92 6.10
N TYR B 190 -0.81 -15.61 4.79
CA TYR B 190 -1.76 -14.61 4.31
C TYR B 190 -3.09 -15.23 3.89
N SER B 191 -4.13 -14.40 3.83
CA SER B 191 -5.37 -14.79 3.17
CA SER B 191 -5.41 -14.77 3.25
C SER B 191 -5.92 -13.57 2.48
N LEU B 192 -6.59 -13.82 1.38
CA LEU B 192 -7.35 -12.74 0.76
C LEU B 192 -8.60 -13.23 0.10
N SER B 193 -9.49 -12.31 -0.10
CA SER B 193 -10.76 -12.62 -0.73
CA SER B 193 -10.75 -12.63 -0.72
C SER B 193 -10.91 -11.80 -1.99
N SER B 194 -11.61 -12.37 -2.93
CA SER B 194 -11.97 -11.62 -4.14
C SER B 194 -13.49 -11.85 -4.35
N VAL B 195 -14.26 -10.79 -4.57
N VAL B 195 -14.23 -10.77 -4.61
CA VAL B 195 -15.68 -10.90 -4.75
CA VAL B 195 -15.68 -10.85 -4.68
C VAL B 195 -16.14 -10.21 -6.04
C VAL B 195 -16.19 -10.11 -5.92
N VAL B 196 -17.35 -10.52 -6.42
CA VAL B 196 -17.95 -9.85 -7.57
C VAL B 196 -19.47 -9.84 -7.36
N THR B 197 -20.12 -8.78 -7.84
CA THR B 197 -21.57 -8.78 -7.79
C THR B 197 -22.13 -8.96 -9.20
N VAL B 198 -23.20 -9.74 -9.29
CA VAL B 198 -23.76 -10.12 -10.57
C VAL B 198 -25.28 -10.14 -10.48
N PRO B 199 -25.97 -10.14 -11.62
CA PRO B 199 -27.44 -10.28 -11.57
C PRO B 199 -27.85 -11.63 -11.00
N SER B 200 -28.79 -11.59 -10.05
CA SER B 200 -29.31 -12.81 -9.44
C SER B 200 -29.86 -13.72 -10.55
N SER B 201 -30.48 -13.13 -11.56
CA SER B 201 -31.08 -13.92 -12.64
C SER B 201 -30.01 -14.68 -13.42
N SER B 202 -28.76 -14.27 -13.33
CA SER B 202 -27.70 -14.90 -14.11
C SER B 202 -27.16 -16.16 -13.43
N LEU B 203 -27.60 -16.42 -12.20
CA LEU B 203 -27.01 -17.49 -11.39
C LEU B 203 -27.36 -18.89 -11.92
N GLY B 204 -28.52 -19.03 -12.52
CA GLY B 204 -28.90 -20.30 -13.08
C GLY B 204 -28.05 -20.66 -14.28
N THR B 205 -27.73 -19.64 -15.07
CA THR B 205 -27.19 -19.87 -16.39
C THR B 205 -25.70 -19.57 -16.59
N GLN B 206 -25.20 -18.48 -16.00
CA GLN B 206 -23.81 -18.09 -16.23
C GLN B 206 -22.88 -18.79 -15.24
N THR B 207 -21.70 -19.13 -15.72
CA THR B 207 -20.67 -19.73 -14.89
C THR B 207 -19.71 -18.67 -14.38
N TYR B 208 -19.34 -18.75 -13.10
CA TYR B 208 -18.41 -17.82 -12.50
C TYR B 208 -17.26 -18.63 -11.93
N ILE B 209 -16.04 -18.37 -12.42
CA ILE B 209 -14.85 -19.13 -12.03
C ILE B 209 -13.78 -18.13 -11.59
N CYS B 210 -13.25 -18.33 -10.38
CA CYS B 210 -12.12 -17.51 -9.97
CA CYS B 210 -12.15 -17.55 -9.87
C CYS B 210 -10.83 -18.20 -10.29
N ASN B 211 -9.92 -17.46 -10.94
CA ASN B 211 -8.62 -18.01 -11.35
C ASN B 211 -7.57 -17.44 -10.42
N VAL B 212 -6.92 -18.29 -9.68
CA VAL B 212 -6.00 -17.90 -8.61
C VAL B 212 -4.62 -18.35 -8.99
N ASN B 213 -3.63 -17.46 -8.87
CA ASN B 213 -2.26 -17.80 -9.19
C ASN B 213 -1.34 -17.41 -8.07
N HIS B 214 -0.67 -18.39 -7.48
CA HIS B 214 0.37 -18.13 -6.48
C HIS B 214 1.67 -18.71 -7.00
N LYS B 215 2.48 -17.88 -7.65
CA LYS B 215 3.65 -18.37 -8.34
C LYS B 215 4.62 -19.14 -7.39
N PRO B 216 4.87 -18.62 -6.16
CA PRO B 216 5.92 -19.29 -5.36
C PRO B 216 5.65 -20.75 -5.05
N SER B 217 4.37 -21.12 -4.93
CA SER B 217 4.02 -22.50 -4.62
C SER B 217 3.55 -23.23 -5.85
N ASN B 218 3.57 -22.56 -7.01
CA ASN B 218 3.01 -23.11 -8.23
C ASN B 218 1.57 -23.55 -8.00
N THR B 219 0.77 -22.73 -7.31
CA THR B 219 -0.65 -23.04 -7.17
C THR B 219 -1.39 -22.27 -8.22
N LYS B 220 -2.02 -22.98 -9.12
CA LYS B 220 -2.78 -22.35 -10.20
C LYS B 220 -4.12 -23.05 -10.25
N VAL B 221 -5.11 -22.43 -9.63
CA VAL B 221 -6.40 -23.08 -9.41
C VAL B 221 -7.51 -22.27 -10.06
N ASP B 222 -8.46 -22.96 -10.69
CA ASP B 222 -9.63 -22.32 -11.28
C ASP B 222 -10.82 -22.92 -10.56
N LYS B 223 -11.47 -22.12 -9.72
N LYS B 223 -11.48 -22.12 -9.72
CA LYS B 223 -12.54 -22.61 -8.87
CA LYS B 223 -12.55 -22.63 -8.89
C LYS B 223 -13.91 -22.13 -9.32
C LYS B 223 -13.91 -22.12 -9.32
N LYS B 224 -14.78 -23.06 -9.70
CA LYS B 224 -16.13 -22.71 -10.08
C LYS B 224 -16.94 -22.41 -8.82
N VAL B 225 -17.57 -21.25 -8.77
CA VAL B 225 -18.34 -20.84 -7.59
C VAL B 225 -19.82 -20.99 -7.91
N GLU B 226 -20.50 -21.89 -7.21
CA GLU B 226 -21.92 -22.11 -7.54
C GLU B 226 -22.82 -21.93 -6.34
N PRO B 227 -24.13 -21.71 -6.58
CA PRO B 227 -25.07 -21.62 -5.45
C PRO B 227 -25.08 -22.94 -4.68
N LYS B 228 -25.26 -22.94 -3.36
CA LYS B 228 -25.20 -24.16 -2.54
C LYS B 228 -26.20 -25.25 -2.96
N ASN C 1 25.27 20.81 5.13
CA ASN C 1 24.16 19.98 4.74
C ASN C 1 24.74 18.97 3.70
N TRP C 2 24.70 17.69 4.05
CA TRP C 2 25.14 16.61 3.16
C TRP C 2 24.48 16.72 1.78
N TRP C 3 23.24 17.22 1.75
CA TRP C 3 22.46 17.31 0.50
C TRP C 3 23.05 18.34 -0.46
N ASP C 4 23.99 19.18 0.00
CA ASP C 4 24.64 20.17 -0.85
C ASP C 4 25.98 19.69 -1.40
N ILE C 5 26.47 18.53 -0.96
CA ILE C 5 27.79 18.10 -1.41
C ILE C 5 27.91 17.90 -2.94
N THR C 6 26.91 17.24 -3.56
CA THR C 6 27.05 17.00 -4.98
C THR C 6 26.97 18.30 -5.80
N ASN C 7 26.29 19.34 -5.27
CA ASN C 7 26.25 20.66 -5.95
C ASN C 7 27.65 21.25 -5.96
N TRP C 8 28.32 21.20 -4.82
N TRP C 8 28.33 21.18 -4.83
CA TRP C 8 29.71 21.63 -4.73
CA TRP C 8 29.72 21.65 -4.78
C TRP C 8 30.61 20.82 -5.70
C TRP C 8 30.64 20.80 -5.69
N LEU C 9 30.41 19.50 -5.78
CA LEU C 9 31.21 18.67 -6.69
C LEU C 9 30.98 19.15 -8.15
N TRP C 10 29.73 19.46 -8.47
CA TRP C 10 29.42 19.90 -9.82
C TRP C 10 30.13 21.21 -10.11
N TYR C 11 30.14 22.10 -9.13
N TYR C 11 30.13 22.14 -9.15
CA TYR C 11 30.77 23.41 -9.33
CA TYR C 11 30.80 23.42 -9.41
C TYR C 11 32.28 23.27 -9.53
C TYR C 11 32.32 23.25 -9.58
N ILE C 12 32.91 22.41 -8.73
N ILE C 12 32.90 22.32 -8.84
CA ILE C 12 34.35 22.15 -8.88
CA ILE C 12 34.35 22.11 -8.88
C ILE C 12 34.67 21.62 -10.26
C ILE C 12 34.75 21.53 -10.22
N LYS C 13 33.95 20.57 -10.66
CA LYS C 13 34.17 19.87 -11.94
C LYS C 13 34.07 20.81 -13.13
N LYS C 14 33.23 21.83 -12.97
CA LYS C 14 33.05 22.87 -13.96
C LYS C 14 34.20 23.85 -13.97
N LYS C 15 34.35 24.60 -12.86
CA LYS C 15 35.33 25.68 -12.73
C LYS C 15 36.69 25.22 -13.24
N LYS C 16 36.99 23.95 -13.00
CA LYS C 16 38.18 23.30 -13.53
C11 43Y D . -10.33 9.28 12.19
O11 43Y D . -11.11 9.32 13.13
O3 43Y D . -9.00 9.32 12.43
C3 43Y D . -8.08 9.71 11.36
C2 43Y D . -6.94 8.70 11.18
C1 43Y D . -5.81 9.35 10.38
O3P 43Y D . -6.26 9.59 9.04
P 43Y D . -5.66 10.72 8.08
O1P 43Y D . -6.74 11.08 7.10
O2P 43Y D . -4.97 11.87 8.92
O4P 43Y D . -4.48 9.99 7.26
C4 43Y D . -4.65 8.87 6.38
C5 43Y D . -3.98 9.09 5.02
N 43Y D . -2.52 9.06 5.10
C7 43Y D . -1.91 9.36 3.77
C8 43Y D . -2.05 7.73 5.52
C6 43Y D . -1.98 10.06 6.03
O2 43Y D . -7.41 7.54 10.43
C31 43Y D . -8.05 6.57 11.11
C9 43Y D . -10.86 9.16 10.77
O3P 43Y E . -22.93 11.83 -8.64
P 43Y E . -22.28 10.70 -7.93
O1P 43Y E . -23.41 9.68 -7.44
O2P 43Y E . -21.46 11.33 -6.71
O4P 43Y E . -21.28 9.96 -8.96
C4 43Y E . -21.05 8.55 -8.97
C5 43Y E . -19.58 8.22 -8.66
N 43Y E . -18.62 8.75 -9.64
C7 43Y E . -17.33 8.05 -9.61
C8 43Y E . -18.29 10.17 -9.36
C6 43Y E . -19.17 8.58 -10.99
C11 43Y F . 9.12 -26.34 -1.04
O11 43Y F . 9.08 -25.20 -0.63
O3 43Y F . 7.99 -27.06 -1.20
C3 43Y F . 6.81 -26.60 -0.48
C2 43Y F . 5.97 -25.67 -1.38
C1 43Y F . 4.57 -25.46 -0.80
O3P 43Y F . 3.86 -26.69 -0.73
P 43Y F . 2.24 -26.72 -0.74
O1P 43Y F . 1.80 -28.10 -0.41
O2P 43Y F . 1.63 -25.62 0.20
O4P 43Y F . 1.85 -26.41 -2.25
C4 43Y F . 2.39 -27.22 -3.30
C5 43Y F . 1.85 -26.65 -4.58
N 43Y F . 0.83 -27.44 -5.26
C7 43Y F . 1.25 -27.41 -6.67
C8 43Y F . -0.47 -26.79 -5.16
C6 43Y F . 0.72 -28.84 -4.78
O2 43Y F . 5.74 -26.27 -2.69
C31 43Y F . 6.26 -25.67 -3.78
O31 43Y F . 6.94 -24.71 -3.66
C32 43Y F . 5.97 -26.27 -5.13
C33 43Y F . 6.68 -25.48 -6.26
C11 43Y G . 23.14 -8.73 -4.37
O11 43Y G . 23.35 -9.14 -5.51
O3 43Y G . 24.14 -8.57 -3.51
C3 43Y G . 25.51 -8.73 -4.00
C2 43Y G . 26.33 -8.78 -2.72
C1 43Y G . 25.61 -9.78 -1.80
O3P 43Y G . 26.46 -9.95 -0.69
P 43Y G . 26.97 -11.41 -0.21
O1P 43Y G . 25.79 -12.23 0.04
O2P 43Y G . 28.08 -11.91 -1.28
O4P 43Y G . 27.73 -11.22 1.18
C4 43Y G . 28.64 -10.14 1.41
C5 43Y G . 28.62 -9.86 2.92
N 43Y G . 27.77 -8.70 3.19
C7 43Y G . 27.73 -8.49 4.63
C8 43Y G . 26.39 -8.90 2.72
C6 43Y G . 28.34 -7.54 2.51
O2 43Y G . 26.27 -7.48 -2.06
C31 43Y G . 27.34 -6.85 -1.55
O31 43Y G . 28.43 -7.33 -1.62
C32 43Y G . 27.12 -5.52 -0.89
C33 43Y G . 28.38 -5.01 -0.18
C9 43Y G . 21.79 -8.32 -3.87
C10 43Y G . 20.69 -8.78 -4.81
#